data_4D7F
#
_entry.id   4D7F
#
_cell.length_a   121.293
_cell.length_b   121.293
_cell.length_c   121.293
_cell.angle_alpha   90.00
_cell.angle_beta   90.00
_cell.angle_gamma   90.00
#
_symmetry.space_group_name_H-M   'I 2 3'
#
loop_
_entity.id
_entity.type
_entity.pdbx_description
1 polymer 'COAGULATION FACTOR XI'
2 non-polymer GLYCEROL
3 non-polymer N-[(2S)-1-({4-[(diaminomethylidene)amino]butyl}amino)-1-oxo-3-phenylpropan-2-yl]-4-hydroxy-2-oxo-1,2-dihydroquinoline-6-carboxamide
4 non-polymer 'SULFATE ION'
5 water water
#
_entity_poly.entity_id   1
_entity_poly.type   'polypeptide(L)'
_entity_poly.pdbx_seq_one_letter_code
;IVGGTASVRGEWPWQVTLHTTSPTQRHLCGGSIIGNQWILTAAHCFYGVESPKILRVYSGILNQAEIAEDTSFFGVQEII
IHDQYKMAESGYDIALLKLETTVNYADSQRPISLPSKGDRNVIYTDCWVTGWGYRKLRDKIQNTLQKAKIPLVTNEECQK
RYRGHKITHKMICAGYREGGKDACKGDSGGPLSCKHNEVWHLVGITSWGEGCAQRERPGVYTNVVEYVDWILEKTQAV
;
_entity_poly.pdbx_strand_id   A
#
loop_
_chem_comp.id
_chem_comp.type
_chem_comp.name
_chem_comp.formula
GOL non-polymer GLYCEROL 'C3 H8 O3'
IXA non-polymer N-[(2S)-1-({4-[(diaminomethylidene)amino]butyl}amino)-1-oxo-3-phenylpropan-2-yl]-4-hydroxy-2-oxo-1,2-dihydroquinoline-6-carboxamide 'C24 H28 N6 O4'
SO4 non-polymer 'SULFATE ION' 'O4 S -2'
#
# COMPACT_ATOMS: atom_id res chain seq x y z
N ILE A 1 6.83 -8.91 1.96
CA ILE A 1 8.04 -8.07 2.17
C ILE A 1 9.29 -8.97 2.17
N VAL A 2 10.25 -8.66 1.30
CA VAL A 2 11.53 -9.38 1.27
C VAL A 2 12.53 -8.63 2.15
N GLY A 3 13.28 -9.37 2.96
CA GLY A 3 14.35 -8.81 3.77
C GLY A 3 13.91 -7.96 4.95
N GLY A 4 12.67 -8.17 5.39
CA GLY A 4 12.11 -7.40 6.50
C GLY A 4 12.10 -8.21 7.78
N THR A 5 11.40 -7.67 8.77
CA THR A 5 11.24 -8.30 10.07
C THR A 5 9.80 -8.12 10.52
N ALA A 6 9.40 -8.92 11.50
CA ALA A 6 8.05 -8.83 12.05
C ALA A 6 7.78 -7.46 12.68
N SER A 7 6.58 -6.95 12.44
CA SER A 7 6.16 -5.71 13.06
C SER A 7 5.73 -5.94 14.50
N VAL A 8 5.77 -4.86 15.26
CA VAL A 8 5.20 -4.79 16.61
C VAL A 8 3.69 -4.55 16.46
N ARG A 9 2.90 -5.22 17.28
CA ARG A 9 1.45 -4.98 17.26
C ARG A 9 1.15 -3.49 17.47
N GLY A 10 0.35 -2.92 16.58
CA GLY A 10 -0.04 -1.52 16.68
C GLY A 10 0.92 -0.48 16.13
N GLU A 11 2.07 -0.88 15.60
CA GLU A 11 3.05 0.13 15.16
C GLU A 11 2.75 0.70 13.77
N TRP A 12 1.88 0.02 13.00
CA TRP A 12 1.41 0.53 11.71
C TRP A 12 -0.12 0.53 11.72
N PRO A 13 -0.73 1.37 12.57
CA PRO A 13 -2.18 1.28 12.78
C PRO A 13 -3.07 1.74 11.61
N TRP A 14 -2.48 2.33 10.57
CA TRP A 14 -3.20 2.65 9.33
C TRP A 14 -3.23 1.47 8.35
N GLN A 15 -2.37 0.47 8.56
CA GLN A 15 -2.31 -0.71 7.67
C GLN A 15 -3.56 -1.58 7.82
N VAL A 16 -4.19 -1.92 6.70
CA VAL A 16 -5.29 -2.87 6.72
C VAL A 16 -4.95 -4.01 5.77
N THR A 17 -5.63 -5.13 5.99
CA THR A 17 -5.61 -6.27 5.07
C THR A 17 -6.99 -6.34 4.42
N LEU A 18 -7.00 -6.27 3.09
CA LEU A 18 -8.21 -6.39 2.30
C LEU A 18 -8.33 -7.85 1.84
N HIS A 19 -9.46 -8.47 2.15
CA HIS A 19 -9.72 -9.86 1.77
C HIS A 19 -10.78 -9.93 0.71
N THR A 20 -10.70 -10.97 -0.10
CA THR A 20 -11.83 -11.37 -0.94
C THR A 20 -12.38 -12.66 -0.37
N THR A 21 -13.70 -12.84 -0.49
CA THR A 21 -14.37 -14.04 0.02
C THR A 21 -14.54 -15.09 -1.09
N SER A 22 -14.19 -14.74 -2.32
CA SER A 22 -14.41 -15.60 -3.49
C SER A 22 -13.11 -16.15 -4.08
N PRO A 23 -13.03 -17.48 -4.32
CA PRO A 23 -14.03 -18.53 -4.04
C PRO A 23 -14.07 -18.91 -2.57
N THR A 24 -12.91 -18.89 -1.91
CA THR A 24 -12.86 -18.96 -0.45
C THR A 24 -12.02 -17.80 0.02
N GLN A 25 -12.16 -17.48 1.30
CA GLN A 25 -11.60 -16.23 1.79
C GLN A 25 -10.07 -16.24 1.82
N ARG A 26 -9.49 -15.13 1.34
CA ARG A 26 -8.05 -14.89 1.34
CA ARG A 26 -8.04 -14.89 1.30
C ARG A 26 -7.63 -13.39 1.28
N HIS A 27 -6.44 -13.11 1.77
CA HIS A 27 -5.85 -11.79 1.65
C HIS A 27 -5.68 -11.46 0.18
N LEU A 28 -6.08 -10.26 -0.21
CA LEU A 28 -5.94 -9.76 -1.56
C LEU A 28 -4.87 -8.69 -1.69
N CYS A 29 -4.91 -7.67 -0.83
CA CYS A 29 -4.03 -6.52 -0.95
C CYS A 29 -3.91 -5.81 0.38
N GLY A 30 -2.89 -4.98 0.49
CA GLY A 30 -2.80 -4.04 1.61
C GLY A 30 -3.58 -2.78 1.29
N GLY A 31 -3.71 -1.91 2.29
CA GLY A 31 -4.29 -0.60 2.10
C GLY A 31 -4.02 0.23 3.35
N SER A 32 -4.42 1.49 3.29
CA SER A 32 -4.16 2.44 4.37
C SER A 32 -5.44 3.19 4.74
N ILE A 33 -5.72 3.28 6.05
CA ILE A 33 -6.81 4.12 6.54
C ILE A 33 -6.39 5.58 6.38
N ILE A 34 -7.18 6.35 5.65
CA ILE A 34 -6.90 7.78 5.50
C ILE A 34 -8.04 8.67 6.01
N GLY A 35 -9.16 8.04 6.33
CA GLY A 35 -10.30 8.74 6.89
C GLY A 35 -11.24 7.75 7.52
N ASN A 36 -12.23 8.25 8.23
CA ASN A 36 -13.15 7.42 8.98
C ASN A 36 -13.87 6.37 8.14
N GLN A 37 -14.13 6.67 6.87
CA GLN A 37 -14.83 5.76 5.97
C GLN A 37 -13.99 5.37 4.75
N TRP A 38 -12.69 5.60 4.81
CA TRP A 38 -11.86 5.58 3.59
C TRP A 38 -10.54 4.85 3.70
N ILE A 39 -10.35 3.90 2.78
CA ILE A 39 -9.09 3.17 2.62
C ILE A 39 -8.49 3.58 1.28
N LEU A 40 -7.21 3.91 1.29
CA LEU A 40 -6.48 4.19 0.04
C LEU A 40 -5.63 2.98 -0.30
N THR A 41 -5.73 2.54 -1.55
CA THR A 41 -5.07 1.30 -1.97
C THR A 41 -4.72 1.42 -3.47
N ALA A 42 -4.33 0.31 -4.09
CA ALA A 42 -3.94 0.30 -5.50
C ALA A 42 -5.09 -0.18 -6.35
N ALA A 43 -5.24 0.45 -7.51
CA ALA A 43 -6.30 0.10 -8.45
C ALA A 43 -6.17 -1.32 -8.99
N HIS A 44 -4.94 -1.79 -9.18
CA HIS A 44 -4.74 -3.10 -9.77
C HIS A 44 -5.24 -4.25 -8.91
N CYS A 45 -5.43 -3.99 -7.62
CA CYS A 45 -5.98 -5.00 -6.71
C CYS A 45 -7.36 -5.52 -7.10
N PHE A 46 -8.09 -4.73 -7.87
CA PHE A 46 -9.48 -5.04 -8.22
C PHE A 46 -9.69 -5.65 -9.59
N TYR A 47 -8.62 -6.17 -10.18
CA TYR A 47 -8.73 -6.87 -11.45
C TYR A 47 -9.72 -8.00 -11.30
N GLY A 48 -10.73 -8.04 -12.16
CA GLY A 48 -11.73 -9.09 -12.08
C GLY A 48 -12.72 -9.03 -10.92
N VAL A 49 -12.58 -8.06 -10.02
CA VAL A 49 -13.55 -7.88 -8.93
C VAL A 49 -14.77 -7.18 -9.54
N GLU A 50 -15.88 -7.90 -9.60
CA GLU A 50 -17.09 -7.38 -10.25
C GLU A 50 -17.97 -6.60 -9.29
N SER A 51 -17.84 -6.87 -8.00
CA SER A 51 -18.71 -6.30 -6.99
C SER A 51 -17.93 -6.06 -5.69
N PRO A 52 -18.24 -4.96 -4.98
CA PRO A 52 -17.66 -4.74 -3.65
C PRO A 52 -18.19 -5.71 -2.58
N LYS A 53 -19.23 -6.49 -2.91
CA LYS A 53 -19.83 -7.39 -1.94
C LYS A 53 -18.94 -8.57 -1.54
N ILE A 54 -17.92 -8.86 -2.33
CA ILE A 54 -16.98 -9.95 -2.01
C ILE A 54 -15.79 -9.49 -1.17
N LEU A 55 -15.73 -8.20 -0.84
CA LEU A 55 -14.60 -7.63 -0.12
C LEU A 55 -14.85 -7.47 1.37
N ARG A 56 -13.79 -7.67 2.15
CA ARG A 56 -13.78 -7.46 3.59
C ARG A 56 -12.50 -6.76 3.96
N VAL A 57 -12.63 -5.66 4.71
CA VAL A 57 -11.47 -4.93 5.20
C VAL A 57 -11.33 -5.21 6.70
N TYR A 58 -10.15 -5.70 7.08
CA TYR A 58 -9.80 -5.93 8.48
C TYR A 58 -8.75 -4.92 8.92
N SER A 59 -9.04 -4.26 10.05
CA SER A 59 -8.16 -3.27 10.64
C SER A 59 -7.66 -3.81 11.96
N GLY A 60 -6.59 -3.22 12.45
CA GLY A 60 -6.01 -3.59 13.75
C GLY A 60 -5.49 -5.01 13.80
N ILE A 61 -5.03 -5.52 12.66
CA ILE A 61 -4.52 -6.88 12.55
C ILE A 61 -3.00 -6.87 12.51
N LEU A 62 -2.39 -7.74 13.29
CA LEU A 62 -0.96 -8.05 13.16
C LEU A 62 -0.79 -9.36 12.42
N ASN A 63 -1.44 -10.40 12.93
CA ASN A 63 -1.38 -11.74 12.36
C ASN A 63 -2.66 -12.11 11.60
N GLN A 64 -2.50 -12.62 10.39
CA GLN A 64 -3.63 -13.17 9.64
C GLN A 64 -4.40 -14.24 10.43
N ALA A 65 -3.72 -14.97 11.32
CA ALA A 65 -4.38 -15.94 12.21
C ALA A 65 -5.48 -15.33 13.10
N GLU A 66 -5.42 -14.02 13.33
CA GLU A 66 -6.49 -13.32 14.05
C GLU A 66 -7.83 -13.35 13.31
N ILE A 67 -7.76 -13.55 11.99
CA ILE A 67 -8.95 -13.49 11.16
C ILE A 67 -9.58 -14.86 11.06
N ALA A 68 -10.76 -14.98 11.63
CA ALA A 68 -11.56 -16.18 11.59
C ALA A 68 -12.97 -15.83 11.13
N GLU A 69 -13.81 -16.83 10.99
CA GLU A 69 -15.18 -16.60 10.55
C GLU A 69 -15.96 -15.69 11.54
N ASP A 70 -15.56 -15.66 12.80
CA ASP A 70 -16.22 -14.81 13.80
C ASP A 70 -15.56 -13.44 14.04
N THR A 71 -14.58 -13.07 13.21
CA THR A 71 -13.85 -11.78 13.36
C THR A 71 -14.63 -10.69 12.64
N SER A 72 -14.81 -9.55 13.30
CA SER A 72 -15.52 -8.44 12.68
C SER A 72 -14.69 -7.79 11.58
N PHE A 73 -15.38 -7.23 10.60
CA PHE A 73 -14.72 -6.59 9.46
C PHE A 73 -15.56 -5.43 8.97
N PHE A 74 -14.98 -4.62 8.08
CA PHE A 74 -15.70 -3.55 7.43
C PHE A 74 -16.09 -3.99 6.03
N GLY A 75 -17.37 -3.85 5.74
CA GLY A 75 -17.87 -4.00 4.38
C GLY A 75 -17.47 -2.83 3.51
N VAL A 76 -17.47 -3.07 2.21
CA VAL A 76 -17.12 -2.06 1.23
C VAL A 76 -18.38 -1.70 0.45
N GLN A 77 -18.68 -0.40 0.48
CA GLN A 77 -19.85 0.15 -0.18
C GLN A 77 -19.55 0.50 -1.63
N GLU A 78 -18.33 0.95 -1.89
CA GLU A 78 -17.95 1.44 -3.20
C GLU A 78 -16.46 1.31 -3.39
N ILE A 79 -16.09 0.88 -4.60
CA ILE A 79 -14.71 0.90 -5.06
C ILE A 79 -14.59 2.06 -6.05
N ILE A 80 -13.68 2.99 -5.76
CA ILE A 80 -13.45 4.14 -6.64
C ILE A 80 -12.06 4.06 -7.26
N ILE A 81 -12.00 3.73 -8.54
CA ILE A 81 -10.72 3.64 -9.25
C ILE A 81 -10.49 4.91 -10.09
N HIS A 82 -9.26 5.41 -10.09
CA HIS A 82 -8.92 6.61 -10.86
C HIS A 82 -9.31 6.40 -12.33
N ASP A 83 -9.98 7.38 -12.92
CA ASP A 83 -10.55 7.18 -14.27
C ASP A 83 -9.52 7.05 -15.40
N GLN A 84 -8.29 7.48 -15.13
CA GLN A 84 -7.18 7.35 -16.09
C GLN A 84 -6.37 6.07 -15.90
N TYR A 85 -6.71 5.27 -14.90
CA TYR A 85 -6.00 4.01 -14.66
C TYR A 85 -6.29 3.00 -15.76
N LYS A 86 -5.22 2.40 -16.28
CA LYS A 86 -5.30 1.28 -17.21
C LYS A 86 -4.56 0.08 -16.69
N MET A 87 -3.33 0.30 -16.20
CA MET A 87 -2.58 -0.75 -15.54
C MET A 87 -1.47 -0.16 -14.68
N ALA A 88 -1.01 -0.95 -13.71
CA ALA A 88 -0.07 -0.46 -12.70
C ALA A 88 1.16 0.23 -13.29
N GLU A 89 1.77 -0.40 -14.29
CA GLU A 89 3.01 0.11 -14.88
C GLU A 89 2.89 1.44 -15.64
N SER A 90 1.67 1.82 -16.03
CA SER A 90 1.45 3.12 -16.68
C SER A 90 0.89 4.21 -15.76
N GLY A 91 0.88 3.95 -14.46
CA GLY A 91 0.54 4.97 -13.48
C GLY A 91 -0.93 5.00 -13.12
N TYR A 92 -1.30 6.03 -12.36
CA TYR A 92 -2.66 6.20 -11.84
C TYR A 92 -3.15 4.98 -11.06
N ASP A 93 -2.23 4.28 -10.43
CA ASP A 93 -2.55 3.03 -9.74
C ASP A 93 -2.98 3.39 -8.33
N ILE A 94 -4.22 3.86 -8.25
CA ILE A 94 -4.77 4.39 -7.01
C ILE A 94 -6.27 4.16 -6.98
N ALA A 95 -6.75 3.74 -5.83
CA ALA A 95 -8.15 3.46 -5.63
C ALA A 95 -8.56 3.79 -4.20
N LEU A 96 -9.82 4.17 -4.04
CA LEU A 96 -10.42 4.42 -2.74
C LEU A 96 -11.49 3.37 -2.47
N LEU A 97 -11.54 2.90 -1.23
CA LEU A 97 -12.63 2.04 -0.79
C LEU A 97 -13.45 2.84 0.22
N LYS A 98 -14.71 3.07 -0.13
CA LYS A 98 -15.66 3.68 0.79
C LYS A 98 -16.25 2.55 1.61
N LEU A 99 -16.07 2.61 2.92
CA LEU A 99 -16.55 1.58 3.81
C LEU A 99 -18.04 1.74 4.13
N GLU A 100 -18.69 0.63 4.46
CA GLU A 100 -20.12 0.64 4.77
C GLU A 100 -20.38 1.28 6.14
N THR A 101 -19.44 1.13 7.05
CA THR A 101 -19.49 1.72 8.39
C THR A 101 -18.19 2.47 8.65
N THR A 102 -18.18 3.28 9.69
CA THR A 102 -17.00 4.09 9.98
C THR A 102 -16.07 3.39 10.97
N VAL A 103 -14.78 3.64 10.82
CA VAL A 103 -13.77 3.07 11.69
C VAL A 103 -13.77 3.88 12.99
N ASN A 104 -13.86 3.19 14.12
CA ASN A 104 -13.68 3.84 15.43
C ASN A 104 -12.20 3.81 15.74
N TYR A 105 -11.57 4.97 15.72
CA TYR A 105 -10.13 5.06 15.90
C TYR A 105 -9.72 4.65 17.30
N ALA A 106 -8.56 4.03 17.38
CA ALA A 106 -7.97 3.58 18.63
C ALA A 106 -6.49 3.36 18.40
N ASP A 107 -5.79 2.95 19.46
CA ASP A 107 -4.36 2.72 19.39
C ASP A 107 -4.02 1.65 18.33
N SER A 108 -4.97 0.74 18.08
CA SER A 108 -4.81 -0.34 17.08
C SER A 108 -5.16 0.06 15.63
N GLN A 109 -5.92 1.13 15.45
CA GLN A 109 -6.40 1.53 14.12
C GLN A 109 -6.68 3.02 14.06
N ARG A 110 -5.96 3.71 13.19
CA ARG A 110 -6.10 5.16 13.08
C ARG A 110 -5.51 5.60 11.74
N PRO A 111 -5.91 6.79 11.25
CA PRO A 111 -5.50 7.21 9.93
C PRO A 111 -4.07 7.73 9.83
N ILE A 112 -3.47 7.57 8.66
CA ILE A 112 -2.20 8.19 8.36
C ILE A 112 -2.43 9.49 7.60
N SER A 113 -1.64 10.51 7.94
CA SER A 113 -1.71 11.80 7.25
C SER A 113 -1.23 11.68 5.81
N LEU A 114 -1.92 12.37 4.91
CA LEU A 114 -1.48 12.50 3.54
C LEU A 114 -0.38 13.55 3.48
N PRO A 115 0.52 13.45 2.50
CA PRO A 115 1.58 14.45 2.41
C PRO A 115 1.01 15.79 1.96
N SER A 116 1.71 16.86 2.34
CA SER A 116 1.37 18.20 1.92
C SER A 116 2.07 18.50 0.59
N LYS A 117 1.42 19.27 -0.28
CA LYS A 117 2.07 19.75 -1.50
C LYS A 117 3.34 20.55 -1.19
N GLY A 118 3.39 21.16 -0.01
CA GLY A 118 4.59 21.86 0.46
C GLY A 118 5.76 20.96 0.88
N ASP A 119 5.53 19.65 0.95
CA ASP A 119 6.56 18.67 1.33
C ASP A 119 7.21 17.96 0.12
N ARG A 120 6.94 18.43 -1.09
CA ARG A 120 7.59 17.89 -2.29
C ARG A 120 9.11 18.08 -2.26
N ASN A 121 9.54 19.17 -1.67
CA ASN A 121 10.97 19.47 -1.46
C ASN A 121 11.63 18.69 -0.31
N VAL A 122 10.82 18.08 0.56
CA VAL A 122 11.33 17.33 1.70
C VAL A 122 12.13 16.10 1.25
N ILE A 123 13.28 15.89 1.89
CA ILE A 123 14.09 14.69 1.69
C ILE A 123 13.76 13.71 2.83
N TYR A 124 12.90 12.75 2.53
CA TYR A 124 12.54 11.72 3.52
C TYR A 124 13.67 10.72 3.64
N THR A 125 14.17 10.52 4.86
CA THR A 125 15.26 9.57 5.10
C THR A 125 14.85 8.39 5.97
N ASP A 126 13.56 8.32 6.32
CA ASP A 126 13.04 7.31 7.26
C ASP A 126 11.74 6.70 6.72
N CYS A 127 11.87 5.94 5.63
CA CYS A 127 10.73 5.39 4.90
C CYS A 127 10.64 3.89 5.06
N TRP A 128 9.42 3.40 5.30
CA TRP A 128 9.17 1.98 5.55
C TRP A 128 8.05 1.43 4.67
N VAL A 129 8.25 0.22 4.17
CA VAL A 129 7.21 -0.50 3.44
C VAL A 129 6.78 -1.71 4.28
N THR A 130 5.47 -1.96 4.30
CA THR A 130 4.89 -2.96 5.18
C THR A 130 3.86 -3.82 4.46
N GLY A 131 3.71 -5.07 4.91
CA GLY A 131 2.68 -5.96 4.37
C GLY A 131 2.84 -7.42 4.73
N TRP A 132 1.86 -8.22 4.28
CA TRP A 132 1.81 -9.65 4.55
C TRP A 132 2.24 -10.46 3.31
N GLY A 133 2.91 -9.79 2.37
CA GLY A 133 3.28 -10.40 1.10
C GLY A 133 4.40 -11.41 1.22
N TYR A 134 4.76 -11.98 0.07
CA TYR A 134 5.83 -12.98 -0.02
C TYR A 134 7.15 -12.45 0.55
N ARG A 135 7.98 -13.34 1.06
CA ARG A 135 9.36 -12.94 1.42
C ARG A 135 10.38 -13.39 0.39
N LYS A 136 9.91 -14.00 -0.69
CA LYS A 136 10.72 -14.18 -1.91
C LYS A 136 9.77 -14.26 -3.10
N LEU A 137 10.28 -14.09 -4.32
CA LEU A 137 9.41 -14.00 -5.52
C LEU A 137 8.42 -15.18 -5.61
N ARG A 138 8.85 -16.31 -5.08
CA ARG A 138 8.11 -17.56 -5.09
C ARG A 138 7.91 -17.96 -3.64
N ASP A 139 6.73 -17.67 -3.10
CA ASP A 139 6.48 -17.80 -1.67
C ASP A 139 4.97 -17.79 -1.44
N LYS A 140 4.54 -17.30 -0.29
CA LYS A 140 3.14 -17.27 0.08
C LYS A 140 2.89 -16.11 1.02
N ILE A 141 1.61 -15.86 1.29
CA ILE A 141 1.20 -14.79 2.20
C ILE A 141 1.66 -15.15 3.62
N GLN A 142 2.27 -14.18 4.28
CA GLN A 142 2.79 -14.37 5.63
C GLN A 142 1.73 -14.17 6.71
N ASN A 143 1.91 -14.83 7.85
CA ASN A 143 1.00 -14.65 8.98
C ASN A 143 1.20 -13.25 9.59
N THR A 144 2.44 -12.93 9.96
CA THR A 144 2.75 -11.70 10.68
C THR A 144 3.12 -10.55 9.76
N LEU A 145 2.48 -9.39 9.97
CA LEU A 145 2.82 -8.18 9.22
C LEU A 145 4.33 -7.89 9.26
N GLN A 146 4.94 -7.76 8.08
CA GLN A 146 6.37 -7.48 7.98
C GLN A 146 6.65 -6.02 7.66
N LYS A 147 7.86 -5.57 8.01
CA LYS A 147 8.31 -4.21 7.73
C LYS A 147 9.73 -4.20 7.22
N ALA A 148 10.05 -3.23 6.37
CA ALA A 148 11.41 -3.04 5.87
C ALA A 148 11.64 -1.57 5.63
N LYS A 149 12.78 -1.07 6.12
CA LYS A 149 13.19 0.28 5.86
C LYS A 149 13.88 0.30 4.51
N ILE A 150 13.51 1.26 3.66
CA ILE A 150 14.02 1.31 2.30
C ILE A 150 14.23 2.76 1.89
N PRO A 151 15.43 3.08 1.35
CA PRO A 151 15.69 4.44 0.93
C PRO A 151 14.97 4.79 -0.37
N LEU A 152 14.46 6.01 -0.43
CA LEU A 152 13.95 6.55 -1.68
C LEU A 152 15.09 6.73 -2.66
N VAL A 153 14.79 6.58 -3.95
CA VAL A 153 15.74 6.90 -5.00
C VAL A 153 15.10 7.95 -5.90
N THR A 154 15.94 8.74 -6.57
CA THR A 154 15.44 9.80 -7.45
C THR A 154 14.73 9.20 -8.65
N ASN A 155 13.81 9.94 -9.25
CA ASN A 155 13.12 9.48 -10.46
C ASN A 155 14.11 9.25 -11.62
N GLU A 156 15.11 10.13 -11.75
CA GLU A 156 16.15 9.97 -12.78
C GLU A 156 16.88 8.64 -12.61
N GLU A 157 17.24 8.33 -11.37
CA GLU A 157 17.89 7.07 -11.04
C GLU A 157 17.00 5.87 -11.32
N CYS A 158 15.72 5.99 -10.95
CA CYS A 158 14.76 4.92 -11.16
C CYS A 158 14.55 4.67 -12.66
N GLN A 159 14.39 5.75 -13.42
CA GLN A 159 14.23 5.70 -14.86
C GLN A 159 15.37 4.95 -15.56
N LYS A 160 16.59 5.15 -15.07
CA LYS A 160 17.76 4.42 -15.56
C LYS A 160 17.62 2.91 -15.39
N ARG A 161 16.91 2.50 -14.34
CA ARG A 161 16.75 1.09 -14.00
C ARG A 161 15.56 0.42 -14.72
N TYR A 162 14.68 1.24 -15.30
CA TYR A 162 13.50 0.77 -16.03
C TYR A 162 13.43 1.40 -17.42
N ARG A 163 14.40 1.06 -18.26
CA ARG A 163 14.53 1.68 -19.59
C ARG A 163 13.36 1.39 -20.52
N GLY A 164 12.64 0.30 -20.28
CA GLY A 164 11.46 -0.03 -21.06
C GLY A 164 10.16 0.61 -20.58
N HIS A 165 10.25 1.40 -19.50
CA HIS A 165 9.08 2.08 -18.91
C HIS A 165 9.25 3.60 -18.87
N LYS A 166 8.15 4.29 -18.65
CA LYS A 166 8.20 5.72 -18.35
C LYS A 166 7.95 5.92 -16.85
N ILE A 167 9.00 6.26 -16.11
CA ILE A 167 8.84 6.61 -14.68
C ILE A 167 8.48 8.10 -14.58
N THR A 168 7.22 8.36 -14.25
CA THR A 168 6.68 9.71 -14.29
C THR A 168 6.82 10.38 -12.93
N HIS A 169 6.54 11.68 -12.90
CA HIS A 169 6.55 12.43 -11.64
C HIS A 169 5.39 12.02 -10.71
N LYS A 170 4.44 11.24 -11.23
CA LYS A 170 3.36 10.70 -10.41
C LYS A 170 3.70 9.32 -9.81
N MET A 171 4.95 8.91 -9.99
CA MET A 171 5.51 7.73 -9.36
C MET A 171 6.67 8.10 -8.47
N ILE A 172 6.94 7.24 -7.50
CA ILE A 172 8.10 7.40 -6.65
C ILE A 172 8.72 6.02 -6.42
N CYS A 173 10.05 5.99 -6.36
CA CYS A 173 10.80 4.74 -6.28
C CYS A 173 11.60 4.61 -4.99
N ALA A 174 11.78 3.37 -4.55
CA ALA A 174 12.56 3.10 -3.34
C ALA A 174 13.21 1.74 -3.45
N GLY A 175 14.47 1.66 -3.01
CA GLY A 175 15.20 0.41 -3.06
C GLY A 175 16.68 0.61 -2.85
N TYR A 176 17.37 -0.50 -2.57
CA TYR A 176 18.83 -0.51 -2.42
C TYR A 176 19.46 -0.88 -3.76
N ARG A 177 20.57 -0.24 -4.11
CA ARG A 177 21.29 -0.58 -5.35
C ARG A 177 21.56 -2.09 -5.44
N GLU A 178 21.97 -2.66 -4.31
CA GLU A 178 22.27 -4.09 -4.24
C GLU A 178 21.04 -4.98 -4.04
N GLY A 179 19.87 -4.37 -3.95
CA GLY A 179 18.63 -5.11 -3.70
C GLY A 179 18.56 -5.66 -2.29
N GLY A 180 17.75 -6.70 -2.10
CA GLY A 180 17.65 -7.41 -0.83
C GLY A 180 16.48 -7.05 0.06
N LYS A 181 15.96 -5.83 -0.07
CA LYS A 181 14.76 -5.41 0.68
C LYS A 181 13.78 -4.73 -0.25
N ASP A 182 12.52 -5.18 -0.22
CA ASP A 182 11.53 -4.70 -1.17
C ASP A 182 10.15 -5.21 -0.76
N ALA A 183 9.11 -4.57 -1.29
CA ALA A 183 7.79 -5.17 -1.30
C ALA A 183 7.80 -6.34 -2.29
N CYS A 184 6.88 -7.29 -2.11
CA CYS A 184 6.67 -8.40 -3.04
C CYS A 184 5.19 -8.73 -3.13
N LYS A 185 4.88 -9.88 -3.73
CA LYS A 185 3.50 -10.23 -4.03
C LYS A 185 2.64 -10.30 -2.77
N GLY A 186 1.52 -9.60 -2.78
CA GLY A 186 0.64 -9.53 -1.62
C GLY A 186 0.80 -8.24 -0.82
N ASP A 187 1.88 -7.51 -1.07
CA ASP A 187 2.11 -6.21 -0.41
C ASP A 187 1.47 -5.06 -1.13
N SER A 188 1.05 -5.27 -2.37
CA SER A 188 0.56 -4.16 -3.16
C SER A 188 -0.67 -3.55 -2.53
N GLY A 189 -0.84 -2.26 -2.76
CA GLY A 189 -1.93 -1.47 -2.21
C GLY A 189 -1.58 -0.92 -0.83
N GLY A 190 -0.58 -1.50 -0.19
CA GLY A 190 -0.16 -1.05 1.13
C GLY A 190 0.66 0.22 1.08
N PRO A 191 1.00 0.78 2.26
CA PRO A 191 1.68 2.04 2.35
C PRO A 191 3.21 1.98 2.25
N LEU A 192 3.76 3.05 1.69
CA LEU A 192 5.15 3.43 1.90
C LEU A 192 5.03 4.64 2.82
N SER A 193 5.41 4.43 4.08
CA SER A 193 5.18 5.38 5.17
C SER A 193 6.50 6.00 5.55
N CYS A 194 6.57 7.33 5.53
CA CYS A 194 7.81 8.04 5.85
C CYS A 194 7.58 8.96 7.05
N LYS A 195 8.50 8.87 8.00
CA LYS A 195 8.43 9.62 9.24
C LYS A 195 9.27 10.88 9.10
N HIS A 196 8.64 12.03 9.29
CA HIS A 196 9.32 13.30 9.13
C HIS A 196 8.83 14.29 10.18
N ASN A 197 9.75 14.85 10.95
CA ASN A 197 9.40 15.76 12.04
C ASN A 197 8.38 15.10 12.97
N GLU A 198 8.66 13.87 13.35
CA GLU A 198 7.82 13.09 14.28
C GLU A 198 6.39 12.82 13.80
N VAL A 199 6.14 12.93 12.49
CA VAL A 199 4.82 12.67 11.92
C VAL A 199 4.99 11.69 10.76
N TRP A 200 4.13 10.67 10.72
CA TRP A 200 4.13 9.70 9.62
C TRP A 200 3.27 10.24 8.47
N HIS A 201 3.78 10.12 7.24
CA HIS A 201 3.06 10.54 6.07
C HIS A 201 2.97 9.39 5.09
N LEU A 202 1.85 9.33 4.38
CA LEU A 202 1.63 8.31 3.37
C LEU A 202 2.23 8.80 2.05
N VAL A 203 3.49 8.48 1.85
CA VAL A 203 4.25 8.98 0.69
C VAL A 203 3.94 8.17 -0.59
N GLY A 204 3.85 6.86 -0.46
CA GLY A 204 3.59 5.99 -1.61
C GLY A 204 2.58 4.89 -1.37
N ILE A 205 2.05 4.35 -2.47
CA ILE A 205 1.25 3.14 -2.47
C ILE A 205 2.03 2.11 -3.27
N THR A 206 2.26 0.95 -2.67
CA THR A 206 2.99 -0.16 -3.29
C THR A 206 2.31 -0.57 -4.59
N SER A 207 3.06 -0.53 -5.69
CA SER A 207 2.43 -0.64 -6.99
C SER A 207 3.03 -1.77 -7.85
N TRP A 208 4.28 -1.60 -8.26
CA TRP A 208 4.90 -2.58 -9.15
C TRP A 208 6.42 -2.58 -9.09
N GLY A 209 7.02 -3.55 -9.78
CA GLY A 209 8.45 -3.60 -9.94
C GLY A 209 8.82 -4.86 -10.69
N GLU A 210 10.09 -4.98 -11.08
CA GLU A 210 10.54 -6.17 -11.79
C GLU A 210 11.00 -7.22 -10.82
N GLY A 211 10.18 -8.24 -10.60
CA GLY A 211 10.45 -9.24 -9.60
C GLY A 211 10.36 -8.57 -8.23
N CYS A 212 11.12 -9.06 -7.27
CA CYS A 212 11.14 -8.49 -5.92
C CYS A 212 12.56 -8.45 -5.38
N ALA A 213 13.01 -7.27 -4.96
CA ALA A 213 14.27 -7.08 -4.22
C ALA A 213 15.52 -7.37 -5.05
N GLN A 214 15.39 -7.26 -6.37
CA GLN A 214 16.52 -7.51 -7.26
C GLN A 214 17.47 -6.34 -7.26
N ARG A 215 18.75 -6.61 -7.51
CA ARG A 215 19.71 -5.54 -7.64
C ARG A 215 19.32 -4.61 -8.78
N GLU A 216 19.49 -3.31 -8.54
CA GLU A 216 19.25 -2.27 -9.54
C GLU A 216 17.83 -2.29 -10.11
N ARG A 217 16.87 -2.66 -9.28
CA ARG A 217 15.46 -2.67 -9.65
C ARG A 217 14.67 -2.19 -8.44
N PRO A 218 14.61 -0.87 -8.22
CA PRO A 218 13.83 -0.31 -7.12
C PRO A 218 12.33 -0.62 -7.25
N GLY A 219 11.62 -0.65 -6.14
CA GLY A 219 10.17 -0.75 -6.16
C GLY A 219 9.56 0.55 -6.64
N VAL A 220 8.45 0.46 -7.36
CA VAL A 220 7.76 1.63 -7.86
C VAL A 220 6.44 1.77 -7.12
N TYR A 221 6.17 2.99 -6.69
CA TYR A 221 5.02 3.32 -5.85
C TYR A 221 4.28 4.47 -6.47
N THR A 222 2.97 4.50 -6.28
CA THR A 222 2.18 5.66 -6.63
C THR A 222 2.60 6.83 -5.73
N ASN A 223 2.89 7.97 -6.34
CA ASN A 223 3.34 9.18 -5.61
C ASN A 223 2.13 9.94 -5.07
N VAL A 224 1.82 9.69 -3.80
CA VAL A 224 0.52 10.08 -3.24
C VAL A 224 0.26 11.58 -3.28
N VAL A 225 1.31 12.39 -3.06
CA VAL A 225 1.17 13.85 -3.06
C VAL A 225 0.58 14.38 -4.39
N GLU A 226 0.80 13.64 -5.46
CA GLU A 226 0.24 14.00 -6.77
C GLU A 226 -1.27 13.74 -6.90
N TYR A 227 -1.85 13.10 -5.89
CA TYR A 227 -3.25 12.71 -5.91
C TYR A 227 -4.07 13.32 -4.79
N VAL A 228 -3.51 14.29 -4.05
CA VAL A 228 -4.26 14.87 -2.94
C VAL A 228 -5.53 15.60 -3.43
N ASP A 229 -5.46 16.29 -4.57
CA ASP A 229 -6.68 16.91 -5.11
C ASP A 229 -7.73 15.86 -5.54
N TRP A 230 -7.27 14.80 -6.18
CA TRP A 230 -8.16 13.71 -6.57
C TRP A 230 -8.83 13.08 -5.35
N ILE A 231 -8.04 12.79 -4.33
CA ILE A 231 -8.57 12.19 -3.10
C ILE A 231 -9.65 13.09 -2.47
N LEU A 232 -9.34 14.38 -2.38
CA LEU A 232 -10.31 15.32 -1.84
C LEU A 232 -11.58 15.32 -2.69
N GLU A 233 -11.43 15.39 -4.01
CA GLU A 233 -12.56 15.41 -4.92
C GLU A 233 -13.42 14.15 -4.75
N LYS A 234 -12.77 13.00 -4.70
CA LYS A 234 -13.49 11.73 -4.62
C LYS A 234 -14.10 11.42 -3.25
N THR A 235 -13.53 11.97 -2.18
CA THR A 235 -14.05 11.71 -0.83
C THR A 235 -15.12 12.70 -0.34
N GLN A 236 -15.40 13.75 -1.12
CA GLN A 236 -16.51 14.68 -0.81
C GLN A 236 -17.86 13.96 -0.83
C1 GOL B . 0.91 -5.36 -9.93
O1 GOL B . 2.26 -4.89 -9.78
C2 GOL B . 0.69 -5.89 -11.35
O2 GOL B . 1.59 -6.98 -11.58
C3 GOL B . -0.77 -6.32 -11.54
O3 GOL B . -1.15 -7.42 -10.71
C25 IXA C . -0.29 -11.03 -5.62
O26 IXA C . 0.25 -11.66 -6.54
C27 IXA C . -1.07 -11.76 -4.61
C28 IXA C . -2.05 -11.12 -3.86
C29 IXA C . -2.77 -11.85 -2.94
C30 IXA C . -2.51 -13.19 -2.76
C31 IXA C . -1.53 -13.83 -3.49
C32 IXA C . -0.81 -13.11 -4.42
C33 IXA C . -1.31 -15.25 -3.26
C34 IXA C . -2.00 -15.96 -2.35
C35 IXA C . -3.06 -15.27 -1.56
O36 IXA C . -3.71 -15.90 -0.74
N37 IXA C . -3.24 -13.93 -1.81
O38 IXA C . -0.33 -15.83 -4.02
N24 IXA C . -0.26 -9.65 -5.52
C22 IXA C . 1.37 -7.96 -6.03
O23 IXA C . 1.41 -7.64 -4.85
C20 IXA C . -0.77 -7.96 -7.26
C17 IXA C . -2.11 -8.61 -7.23
C16 IXA C . -2.34 -9.78 -7.92
C18 IXA C . -3.13 -8.04 -6.49
C15 IXA C . -3.59 -10.38 -7.89
C19 IXA C . -4.38 -8.64 -6.46
C14 IXA C . -4.61 -9.80 -7.16
C3 IXA C . 5.51 -4.31 -6.05
C4 IXA C . 4.77 -5.33 -5.19
C5 IXA C . 4.34 -6.61 -5.91
N7 IXA C . 8.07 -3.60 -5.19
C8 IXA C . 7.82 -4.63 -6.07
N10 IXA C . 9.00 -5.26 -6.44
C12 IXA C . 3.12 -6.36 -6.78
N13 IXA C . 2.30 -7.55 -6.97
C24 IXA C . 0.29 -8.85 -6.61
N25 IXA C . 6.69 -5.03 -6.55
S SO4 D . 11.37 -11.97 12.21
O1 SO4 D . 12.04 -10.69 12.51
O2 SO4 D . 11.36 -12.24 10.75
O3 SO4 D . 9.99 -11.97 12.72
O4 SO4 D . 12.09 -13.07 12.89
S SO4 E . 0.32 21.97 -8.06
O1 SO4 E . -0.72 22.97 -7.76
O2 SO4 E . 1.49 22.21 -7.19
O3 SO4 E . 0.73 22.07 -9.47
O4 SO4 E . -0.21 20.60 -7.79
S SO4 F . -14.55 -6.13 17.64
O1 SO4 F . -14.87 -4.72 17.95
O2 SO4 F . -13.40 -6.24 16.72
O3 SO4 F . -15.75 -6.72 17.02
O4 SO4 F . -14.20 -6.86 18.87
S SO4 G . 7.15 5.19 15.85
O1 SO4 G . 7.18 5.00 17.32
O2 SO4 G . 8.52 5.14 15.30
O3 SO4 G . 6.51 6.48 15.53
O4 SO4 G . 6.33 4.10 15.26
#